data_6G8F
#
_entry.id   6G8F
#
_cell.length_a   80.781
_cell.length_b   82.338
_cell.length_c   92.397
_cell.angle_alpha   90.00
_cell.angle_beta   90.00
_cell.angle_gamma   90.00
#
_symmetry.space_group_name_H-M   'P 21 21 21'
#
loop_
_entity.id
_entity.type
_entity.pdbx_description
1 polymer 'Lysine-specific demethylase 6A'
2 non-polymer 'MANGANESE (II) ION'
3 non-polymer 'ZINC ION'
4 non-polymer '3-[[2-pyridin-2-yl-6-(1,2,4,5-tetrahydro-3-benzazepin-3-yl)pyrimidin-4-yl]amino]propanoic acid'
5 non-polymer 'DIMETHYL SULFOXIDE'
6 non-polymer 'CHLORIDE ION'
7 water water
#
_entity_poly.entity_id   1
_entity_poly.type   'polypeptide(L)'
_entity_poly.pdbx_seq_one_letter_code
;GPGYQDPNSQIIPSMSVSIYPSSAEVLKACRNLGKNGLSNSSILLDKCPPPRPPSSPYPPLPKDKLNPPTPSIYLENKRD
AFFPPLHQFCTNPNNPVTVIRGLAGALKLDLGLFSTKTLVEANNEHMVEVRTQLLQPADENWDPTGTKKIWHCESNRSHT
TIAKYAQYQASSFQESLREENEKRSHHKDHSDSESTSSDNSGRRRKGPFKTIKFGTNIDLSDDKKWKLQLHELTKLPAFV
RVVSAGNLLSHVGHTILGMNTVQLYMKVPGSRTPGHQENNNFCSVNINIGPGDCEWFVVPEGYWGVLNDFCEKNNLNFLM
GSWWPNLEDLYEANVPVYRFIQRPGDLVWINAGTVHWVQAIGWCNNIAWNVGPLTACQYKLAVERYEWNKLQSVKSIVPM
VHLSWNMARNIKVSDPKLFEMIKYCLLRTLKQCQTLREALIAAGKEIIWHGRTKEEPAHYCSICEVEVFDLLFVTNESNS
RKTYIVHCQDCARKTSGNLENFVVLEQYKMEDLMQVYDQFTLAPPLPSASS
;
_entity_poly.pdbx_strand_id   A
#
loop_
_chem_comp.id
_chem_comp.type
_chem_comp.name
_chem_comp.formula
CL non-polymer 'CHLORIDE ION' 'Cl -1'
DMS non-polymer 'DIMETHYL SULFOXIDE' 'C2 H6 O S'
K0I non-polymer '3-[[2-pyridin-2-yl-6-(1,2,4,5-tetrahydro-3-benzazepin-3-yl)pyrimidin-4-yl]amino]propanoic acid' 'C22 H23 N5 O2'
MN non-polymer 'MANGANESE (II) ION' 'Mn 2'
ZN non-polymer 'ZINC ION' 'Zn 2'
#
# COMPACT_ATOMS: atom_id res chain seq x y z
N SER A 16 25.54 -13.83 20.08
CA SER A 16 24.15 -13.82 19.64
C SER A 16 23.25 -14.54 20.64
N VAL A 17 22.20 -13.86 21.09
CA VAL A 17 21.33 -14.32 22.16
C VAL A 17 19.90 -14.38 21.65
N SER A 18 19.26 -15.53 21.81
CA SER A 18 17.84 -15.61 21.52
C SER A 18 17.06 -15.04 22.71
N ILE A 19 16.09 -14.17 22.43
CA ILE A 19 15.26 -13.54 23.45
C ILE A 19 13.82 -14.00 23.39
N TYR A 20 13.52 -14.95 22.52
CA TYR A 20 12.15 -15.39 22.33
C TYR A 20 12.01 -16.84 22.77
N PRO A 21 10.88 -17.21 23.35
CA PRO A 21 10.69 -18.59 23.79
C PRO A 21 10.50 -19.55 22.61
N SER A 22 10.78 -20.83 22.88
CA SER A 22 10.54 -21.87 21.88
C SER A 22 9.04 -22.04 21.61
N SER A 23 8.73 -22.53 20.40
CA SER A 23 7.34 -22.87 20.11
C SER A 23 6.80 -23.87 21.13
N ALA A 24 7.58 -24.90 21.49
CA ALA A 24 7.18 -25.81 22.56
C ALA A 24 6.86 -25.05 23.85
N GLU A 25 7.72 -24.09 24.21
CA GLU A 25 7.45 -23.32 25.42
C GLU A 25 6.17 -22.52 25.27
N VAL A 26 5.99 -21.87 24.11
CA VAL A 26 4.74 -21.14 23.87
C VAL A 26 3.56 -22.10 23.93
N LEU A 27 3.69 -23.27 23.29
CA LEU A 27 2.65 -24.28 23.34
C LEU A 27 2.31 -24.65 24.77
N LYS A 28 3.34 -24.92 25.58
CA LYS A 28 3.12 -25.36 26.95
C LYS A 28 2.36 -24.33 27.77
N ALA A 29 2.70 -23.05 27.60
CA ALA A 29 2.02 -21.99 28.33
C ALA A 29 0.58 -21.78 27.89
N CYS A 30 0.25 -22.14 26.65
CA CYS A 30 -1.16 -22.10 26.23
C CYS A 30 -1.95 -23.27 26.81
N ARG A 31 -1.30 -24.42 27.03
CA ARG A 31 -1.99 -25.54 27.67
C ARG A 31 -2.54 -25.13 29.03
N ASN A 32 -1.75 -24.37 29.80
CA ASN A 32 -2.21 -23.82 31.06
C ASN A 32 -3.37 -22.87 30.84
N SER A 39 -2.10 -19.82 38.21
CA SER A 39 -1.22 -18.80 38.77
C SER A 39 0.26 -19.03 38.42
N ASN A 40 0.53 -19.36 37.17
CA ASN A 40 1.88 -19.50 36.67
C ASN A 40 2.45 -18.13 36.27
N SER A 41 3.75 -18.11 35.99
CA SER A 41 4.37 -16.90 35.44
C SER A 41 3.98 -16.72 33.96
N SER A 42 3.93 -15.47 33.53
CA SER A 42 3.58 -15.19 32.14
C SER A 42 4.82 -15.27 31.26
N ILE A 43 4.60 -15.53 29.97
CA ILE A 43 5.72 -15.43 29.04
C ILE A 43 5.80 -14.04 28.43
N LEU A 44 4.67 -13.35 28.25
CA LEU A 44 4.71 -11.98 27.75
C LEU A 44 3.44 -11.24 28.14
N LEU A 45 3.47 -9.92 27.96
CA LEU A 45 2.36 -9.04 28.28
C LEU A 45 1.38 -9.03 27.12
N ASP A 46 0.24 -9.74 27.29
CA ASP A 46 -0.78 -9.78 26.25
C ASP A 46 -1.22 -8.37 25.86
N LYS A 47 -1.50 -7.52 26.85
CA LYS A 47 -1.88 -6.14 26.60
C LYS A 47 -0.83 -5.42 25.75
N CYS A 48 -1.18 -5.12 24.50
CA CYS A 48 -0.31 -4.25 23.70
C CYS A 48 -0.87 -2.85 23.65
N PRO A 49 -0.05 -1.80 23.70
CA PRO A 49 -0.59 -0.45 23.62
C PRO A 49 -1.25 -0.21 22.27
N PRO A 50 -2.40 0.47 22.25
CA PRO A 50 -3.18 0.56 21.01
C PRO A 50 -2.60 1.61 20.08
N PRO A 51 -2.76 1.42 18.77
CA PRO A 51 -2.24 2.40 17.82
C PRO A 51 -3.03 3.70 17.92
N ARG A 52 -2.37 4.79 17.53
CA ARG A 52 -3.00 6.10 17.52
C ARG A 52 -2.18 7.04 16.65
N PRO A 53 -2.79 8.10 16.13
CA PRO A 53 -2.06 9.04 15.28
C PRO A 53 -0.98 9.73 16.10
N PRO A 54 0.18 10.01 15.50
CA PRO A 54 1.24 10.68 16.26
C PRO A 54 0.95 12.15 16.44
N SER A 55 1.46 12.70 17.53
CA SER A 55 1.36 14.13 17.73
C SER A 55 2.25 14.87 16.72
N SER A 56 2.04 16.18 16.63
CA SER A 56 2.87 16.98 15.75
C SER A 56 4.35 16.77 16.09
N PRO A 57 5.20 16.58 15.09
CA PRO A 57 6.59 16.19 15.37
C PRO A 57 7.34 17.22 16.21
N TYR A 58 8.28 16.71 17.00
CA TYR A 58 9.21 17.52 17.75
C TYR A 58 10.62 17.20 17.28
N PRO A 59 11.45 18.21 16.99
CA PRO A 59 11.11 19.61 17.30
C PRO A 59 10.30 20.23 16.18
N PRO A 60 9.56 21.30 16.48
CA PRO A 60 8.77 21.97 15.45
C PRO A 60 9.67 22.67 14.44
N LEU A 61 9.08 22.98 13.29
CA LEU A 61 9.80 23.63 12.21
C LEU A 61 9.32 25.06 12.04
N PRO A 62 10.26 26.00 11.84
CA PRO A 62 9.89 27.40 11.60
C PRO A 62 9.38 27.62 10.18
N LYS A 63 8.72 28.77 9.99
CA LYS A 63 8.14 29.10 8.69
C LYS A 63 9.14 28.95 7.56
N ASP A 64 10.40 29.33 7.80
CA ASP A 64 11.41 29.32 6.74
C ASP A 64 11.86 27.91 6.35
N LYS A 65 11.42 26.87 7.05
CA LYS A 65 11.77 25.51 6.66
C LYS A 65 10.58 24.71 6.17
N LEU A 66 9.50 25.37 5.76
CA LEU A 66 8.28 24.66 5.41
C LEU A 66 8.15 24.37 3.90
N ASN A 67 9.08 24.83 3.08
CA ASN A 67 9.10 24.51 1.65
C ASN A 67 10.47 23.97 1.25
N PRO A 68 10.86 22.83 1.81
CA PRO A 68 12.22 22.30 1.56
C PRO A 68 12.39 21.85 0.12
N PRO A 69 13.62 21.75 -0.37
CA PRO A 69 13.85 21.25 -1.72
C PRO A 69 13.76 19.72 -1.79
N THR A 70 13.56 19.22 -3.00
CA THR A 70 13.25 17.79 -3.10
C THR A 70 14.53 16.99 -3.21
N PRO A 71 14.70 15.95 -2.40
CA PRO A 71 15.85 15.06 -2.59
C PRO A 71 15.86 14.56 -4.02
N SER A 72 16.99 14.76 -4.70
CA SER A 72 17.10 14.55 -6.14
C SER A 72 18.30 13.68 -6.48
N ILE A 73 18.11 12.79 -7.46
CA ILE A 73 19.18 11.96 -8.01
C ILE A 73 19.24 12.26 -9.50
N TYR A 74 20.43 12.65 -9.98
CA TYR A 74 20.63 13.06 -11.38
C TYR A 74 21.39 11.95 -12.11
N LEU A 75 20.68 11.17 -12.91
CA LEU A 75 21.30 10.06 -13.62
C LEU A 75 21.74 10.51 -15.00
N GLU A 76 22.90 10.04 -15.41
CA GLU A 76 23.38 10.25 -16.78
C GLU A 76 23.64 8.93 -17.49
N ASN A 77 24.27 7.98 -16.80
CA ASN A 77 24.67 6.69 -17.35
C ASN A 77 23.82 5.57 -16.76
N LYS A 78 23.61 4.52 -17.57
CA LYS A 78 23.01 3.29 -17.07
C LYS A 78 23.74 2.80 -15.82
N ARG A 79 25.08 2.85 -15.82
CA ARG A 79 25.84 2.51 -14.62
C ARG A 79 25.39 3.35 -13.43
N ASP A 80 25.12 4.65 -13.65
CA ASP A 80 24.65 5.51 -12.57
C ASP A 80 23.46 4.89 -11.83
N ALA A 81 22.52 4.29 -12.58
CA ALA A 81 21.28 3.77 -12.02
C ALA A 81 21.48 2.55 -11.15
N PHE A 82 22.59 1.82 -11.35
CA PHE A 82 22.86 0.62 -10.58
C PHE A 82 23.88 0.87 -9.49
N PHE A 83 24.17 2.14 -9.21
CA PHE A 83 25.01 2.53 -8.08
C PHE A 83 24.33 2.14 -6.77
N PRO A 84 24.95 1.30 -5.94
CA PRO A 84 24.26 0.80 -4.71
C PRO A 84 23.76 1.93 -3.82
N PRO A 85 24.57 2.95 -3.55
CA PRO A 85 24.11 4.03 -2.66
C PRO A 85 22.78 4.66 -3.08
N LEU A 86 22.31 4.43 -4.31
CA LEU A 86 20.98 4.92 -4.70
C LEU A 86 19.89 4.33 -3.82
N HIS A 87 19.97 3.02 -3.57
CA HIS A 87 18.99 2.33 -2.74
C HIS A 87 18.88 2.96 -1.35
N GLN A 88 20.02 3.17 -0.68
CA GLN A 88 20.01 3.72 0.66
C GLN A 88 19.55 5.17 0.68
N PHE A 89 19.82 5.92 -0.37
CA PHE A 89 19.36 7.31 -0.40
C PHE A 89 17.84 7.38 -0.47
N CYS A 90 17.21 6.50 -1.27
CA CYS A 90 15.76 6.52 -1.44
C CYS A 90 15.04 6.00 -0.19
N THR A 91 15.57 4.95 0.44
CA THR A 91 14.88 4.39 1.62
C THR A 91 15.17 5.16 2.90
N ASN A 92 16.11 6.09 2.88
CA ASN A 92 16.47 6.86 4.07
C ASN A 92 15.26 7.57 4.67
N PRO A 93 14.89 7.28 5.92
CA PRO A 93 13.66 7.87 6.48
C PRO A 93 13.61 9.37 6.46
N ASN A 94 14.77 10.04 6.44
CA ASN A 94 14.79 11.50 6.37
C ASN A 94 14.40 12.03 5.00
N ASN A 95 14.35 11.18 3.96
CA ASN A 95 13.91 11.64 2.64
C ASN A 95 12.49 11.14 2.40
N PRO A 96 11.47 11.98 2.55
CA PRO A 96 10.08 11.51 2.35
C PRO A 96 9.78 11.12 0.92
N VAL A 97 10.55 11.67 -0.02
CA VAL A 97 10.35 11.46 -1.44
C VAL A 97 11.69 11.70 -2.12
N THR A 98 11.97 10.95 -3.18
CA THR A 98 13.11 11.15 -4.05
C THR A 98 12.64 11.19 -5.49
N VAL A 99 13.08 12.18 -6.26
CA VAL A 99 12.88 12.19 -7.69
C VAL A 99 14.20 11.78 -8.35
N ILE A 100 14.13 10.76 -9.20
CA ILE A 100 15.29 10.26 -9.93
C ILE A 100 15.23 10.84 -11.33
N ARG A 101 16.02 11.86 -11.59
CA ARG A 101 15.97 12.60 -12.84
C ARG A 101 16.65 11.80 -13.94
N GLY A 102 16.03 11.78 -15.12
CA GLY A 102 16.62 11.17 -16.30
C GLY A 102 16.71 9.67 -16.22
N LEU A 103 15.86 9.05 -15.40
CA LEU A 103 15.91 7.60 -15.25
C LEU A 103 15.64 6.88 -16.57
N ALA A 104 14.57 7.27 -17.27
CA ALA A 104 14.21 6.51 -18.47
C ALA A 104 15.28 6.65 -19.56
N GLY A 105 15.84 7.85 -19.71
CA GLY A 105 16.90 8.04 -20.70
C GLY A 105 18.18 7.30 -20.37
N ALA A 106 18.58 7.28 -19.08
CA ALA A 106 19.83 6.61 -18.71
C ALA A 106 19.77 5.10 -18.89
N LEU A 107 18.58 4.50 -18.79
CA LEU A 107 18.41 3.06 -19.04
C LEU A 107 18.00 2.78 -20.48
N LYS A 108 17.76 3.83 -21.27
CA LYS A 108 17.22 3.68 -22.62
C LYS A 108 15.91 2.89 -22.57
N LEU A 109 15.07 3.21 -21.58
CA LEU A 109 13.73 2.68 -21.50
C LEU A 109 12.88 3.22 -22.63
N ASP A 110 12.16 2.34 -23.32
CA ASP A 110 11.22 2.77 -24.37
C ASP A 110 9.89 3.12 -23.71
N LEU A 111 9.74 4.40 -23.34
CA LEU A 111 8.47 4.88 -22.81
C LEU A 111 7.37 4.86 -23.86
N GLY A 112 7.73 4.80 -25.15
CA GLY A 112 6.74 4.70 -26.20
C GLY A 112 5.84 3.48 -26.05
N LEU A 113 6.35 2.40 -25.44
CA LEU A 113 5.52 1.24 -25.14
C LEU A 113 4.32 1.55 -24.26
N PHE A 114 4.32 2.70 -23.56
CA PHE A 114 3.22 3.09 -22.68
C PHE A 114 2.48 4.31 -23.21
N SER A 115 2.79 4.78 -24.41
CA SER A 115 2.05 5.87 -24.99
C SER A 115 0.61 5.45 -25.25
N THR A 116 -0.30 6.43 -25.26
CA THR A 116 -1.71 6.15 -25.49
C THR A 116 -1.92 5.41 -26.82
N LYS A 117 -1.25 5.87 -27.88
CA LYS A 117 -1.39 5.23 -29.18
C LYS A 117 -0.99 3.76 -29.12
N THR A 118 0.14 3.44 -28.48
CA THR A 118 0.53 2.05 -28.36
C THR A 118 -0.48 1.24 -27.53
N LEU A 119 -1.06 1.86 -26.49
CA LEU A 119 -1.96 1.12 -25.63
C LEU A 119 -3.28 0.79 -26.34
N VAL A 120 -3.78 1.74 -27.13
CA VAL A 120 -4.99 1.52 -27.92
C VAL A 120 -4.79 0.40 -28.93
N GLU A 121 -3.62 0.36 -29.58
CA GLU A 121 -3.33 -0.72 -30.50
C GLU A 121 -3.27 -2.06 -29.78
N ALA A 122 -2.74 -2.08 -28.55
CA ALA A 122 -2.54 -3.33 -27.84
C ALA A 122 -3.85 -3.92 -27.31
N ASN A 123 -4.70 -3.10 -26.69
CA ASN A 123 -5.89 -3.61 -26.00
C ASN A 123 -6.94 -2.50 -25.96
N ASN A 124 -7.55 -2.20 -27.11
CA ASN A 124 -8.44 -1.05 -27.19
C ASN A 124 -9.71 -1.24 -26.39
N GLU A 125 -10.05 -2.46 -26.03
CA GLU A 125 -11.23 -2.73 -25.19
C GLU A 125 -10.92 -2.66 -23.71
N HIS A 126 -9.65 -2.59 -23.32
CA HIS A 126 -9.30 -2.67 -21.91
C HIS A 126 -10.02 -1.60 -21.08
N MET A 127 -10.43 -1.98 -19.86
CA MET A 127 -11.21 -1.10 -19.00
C MET A 127 -10.37 0.03 -18.41
N VAL A 128 -11.03 1.17 -18.20
CA VAL A 128 -10.47 2.35 -17.58
C VAL A 128 -11.48 2.86 -16.56
N GLU A 129 -11.03 3.08 -15.34
CA GLU A 129 -11.88 3.67 -14.33
C GLU A 129 -11.77 5.19 -14.41
N VAL A 130 -12.86 5.86 -14.74
CA VAL A 130 -12.86 7.29 -14.99
C VAL A 130 -13.30 8.02 -13.74
N ARG A 131 -12.51 9.00 -13.31
CA ARG A 131 -12.92 9.92 -12.28
C ARG A 131 -13.19 11.26 -12.97
N THR A 132 -14.41 11.74 -12.83
CA THR A 132 -14.79 13.04 -13.38
C THR A 132 -14.65 14.06 -12.28
N GLN A 133 -13.80 15.06 -12.51
CA GLN A 133 -13.40 16.03 -11.50
C GLN A 133 -13.68 17.42 -12.02
N LEU A 134 -13.52 18.42 -11.15
CA LEU A 134 -13.50 19.81 -11.57
C LEU A 134 -12.06 20.22 -11.85
N LEU A 135 -11.87 20.94 -12.94
CA LEU A 135 -10.58 21.58 -13.21
C LEU A 135 -10.41 22.76 -12.26
N GLN A 136 -9.46 22.66 -11.34
CA GLN A 136 -9.22 23.66 -10.32
C GLN A 136 -7.98 24.48 -10.64
N PRO A 137 -7.81 25.65 -10.02
CA PRO A 137 -6.67 26.53 -10.33
C PRO A 137 -5.48 26.29 -9.43
N ALA A 138 -4.29 26.31 -10.04
CA ALA A 138 -3.02 26.24 -9.31
C ALA A 138 -2.97 25.05 -8.36
N ASP A 139 -2.72 25.33 -7.08
CA ASP A 139 -2.62 24.33 -6.03
C ASP A 139 -3.86 24.32 -5.13
N GLU A 140 -4.94 24.96 -5.55
CA GLU A 140 -6.07 25.19 -4.66
C GLU A 140 -7.22 24.23 -4.96
N ASN A 141 -8.13 24.14 -3.99
CA ASN A 141 -9.35 23.35 -4.15
C ASN A 141 -10.53 24.17 -3.65
N TRP A 142 -11.36 24.65 -4.58
CA TRP A 142 -12.54 25.45 -4.28
C TRP A 142 -13.80 24.61 -4.38
N ASP A 143 -14.77 24.92 -3.53
CA ASP A 143 -16.09 24.33 -3.70
C ASP A 143 -16.62 24.67 -5.09
N PRO A 144 -17.68 24.01 -5.57
CA PRO A 144 -18.07 24.17 -6.99
C PRO A 144 -18.42 25.60 -7.37
N THR A 145 -18.79 26.45 -6.42
CA THR A 145 -19.22 27.81 -6.72
C THR A 145 -18.06 28.81 -6.70
N GLY A 146 -16.82 28.34 -6.59
CA GLY A 146 -15.70 29.26 -6.54
C GLY A 146 -15.71 30.19 -5.37
N THR A 147 -16.48 29.88 -4.33
CA THR A 147 -16.69 30.75 -3.18
C THR A 147 -15.58 30.61 -2.13
N LYS A 148 -15.39 29.40 -1.60
CA LYS A 148 -14.41 29.17 -0.55
C LYS A 148 -13.49 28.01 -0.92
N LYS A 149 -12.31 28.00 -0.32
CA LYS A 149 -11.34 26.93 -0.48
C LYS A 149 -11.66 25.83 0.53
N ILE A 150 -11.90 24.61 0.04
CA ILE A 150 -12.34 23.50 0.87
C ILE A 150 -11.42 22.31 0.63
N TRP A 151 -11.43 21.38 1.59
CA TRP A 151 -10.58 20.19 1.47
C TRP A 151 -11.26 19.09 0.66
N HIS A 152 -12.57 18.92 0.80
CA HIS A 152 -13.26 17.84 0.10
C HIS A 152 -13.21 18.08 -1.41
N CYS A 153 -12.70 17.10 -2.15
CA CYS A 153 -12.66 17.21 -3.61
C CYS A 153 -13.54 16.13 -4.19
N GLU A 154 -14.68 16.53 -4.74
CA GLU A 154 -15.68 15.61 -5.23
C GLU A 154 -15.26 14.96 -6.53
N SER A 155 -15.67 13.71 -6.71
CA SER A 155 -15.44 13.00 -7.95
CA SER A 155 -15.42 12.98 -7.94
C SER A 155 -16.53 11.95 -8.14
N ASN A 156 -16.75 11.58 -9.39
CA ASN A 156 -17.67 10.51 -9.74
C ASN A 156 -16.87 9.40 -10.39
N ARG A 157 -17.17 8.16 -10.03
CA ARG A 157 -16.53 6.99 -10.62
C ARG A 157 -17.42 6.43 -11.71
N SER A 158 -16.84 6.23 -12.90
CA SER A 158 -17.48 5.52 -14.00
C SER A 158 -16.43 4.70 -14.72
N HIS A 159 -16.83 4.05 -15.80
CA HIS A 159 -15.93 3.11 -16.46
C HIS A 159 -16.11 3.20 -17.95
N THR A 160 -15.01 3.03 -18.67
CA THR A 160 -14.99 3.10 -20.13
C THR A 160 -13.89 2.17 -20.63
N THR A 161 -13.54 2.30 -21.90
CA THR A 161 -12.49 1.52 -22.53
C THR A 161 -11.29 2.42 -22.82
N ILE A 162 -10.13 1.79 -23.04
CA ILE A 162 -8.95 2.56 -23.41
C ILE A 162 -9.22 3.37 -24.68
N ALA A 163 -9.84 2.73 -25.67
CA ALA A 163 -10.12 3.42 -26.93
C ALA A 163 -10.95 4.67 -26.69
N LYS A 164 -11.98 4.56 -25.85
CA LYS A 164 -12.84 5.72 -25.62
C LYS A 164 -12.12 6.79 -24.83
N TYR A 165 -11.34 6.41 -23.81
CA TYR A 165 -10.63 7.44 -23.05
C TYR A 165 -9.54 8.08 -23.89
N ALA A 166 -8.82 7.27 -24.70
CA ALA A 166 -7.80 7.83 -25.57
C ALA A 166 -8.39 8.89 -26.50
N GLN A 167 -9.57 8.62 -27.05
CA GLN A 167 -10.29 9.60 -27.86
C GLN A 167 -10.39 10.92 -27.13
N TYR A 168 -10.94 10.87 -25.92
CA TYR A 168 -11.13 12.08 -25.12
C TYR A 168 -9.80 12.78 -24.85
N GLN A 169 -8.76 12.01 -24.49
CA GLN A 169 -7.46 12.60 -24.20
C GLN A 169 -6.93 13.33 -25.43
N ALA A 170 -6.97 12.69 -26.60
CA ALA A 170 -6.52 13.34 -27.84
C ALA A 170 -7.42 14.51 -28.19
N SER A 171 -8.74 14.28 -28.21
CA SER A 171 -9.67 15.39 -28.38
C SER A 171 -9.30 16.57 -27.49
N SER A 172 -9.12 16.32 -26.19
CA SER A 172 -8.89 17.40 -25.24
C SER A 172 -7.63 18.18 -25.57
N PHE A 173 -6.61 17.50 -26.12
CA PHE A 173 -5.41 18.21 -26.51
C PHE A 173 -5.65 19.07 -27.75
N GLN A 174 -6.47 18.59 -28.69
CA GLN A 174 -6.78 19.40 -29.87
C GLN A 174 -7.63 20.62 -29.49
N GLU A 175 -8.64 20.43 -28.64
CA GLU A 175 -9.39 21.56 -28.13
C GLU A 175 -8.47 22.62 -27.53
N SER A 176 -7.44 22.19 -26.79
CA SER A 176 -6.50 23.14 -26.22
C SER A 176 -5.71 23.88 -27.29
N LEU A 177 -5.30 23.17 -28.34
CA LEU A 177 -4.58 23.80 -29.45
C LEU A 177 -5.47 24.82 -30.18
N ARG A 178 -6.70 25.02 -29.69
CA ARG A 178 -7.63 25.97 -30.28
CA ARG A 178 -7.65 25.97 -30.27
C ARG A 178 -8.13 25.49 -31.64
N PRO A 208 -18.08 28.23 -12.34
CA PRO A 208 -17.07 28.77 -13.25
C PRO A 208 -15.97 27.77 -13.61
N PHE A 209 -16.06 26.53 -13.13
CA PHE A 209 -15.04 25.52 -13.34
C PHE A 209 -15.47 24.53 -14.42
N LYS A 210 -14.57 24.25 -15.36
CA LYS A 210 -14.82 23.21 -16.35
C LYS A 210 -14.78 21.83 -15.69
N THR A 211 -15.14 20.81 -16.44
CA THR A 211 -15.18 19.45 -15.93
C THR A 211 -14.27 18.58 -16.79
N ILE A 212 -13.37 17.83 -16.15
CA ILE A 212 -12.41 17.01 -16.85
C ILE A 212 -12.57 15.56 -16.40
N LYS A 213 -11.90 14.65 -17.12
CA LYS A 213 -12.00 13.22 -16.85
C LYS A 213 -10.61 12.62 -16.76
N PHE A 214 -10.37 11.92 -15.66
CA PHE A 214 -9.09 11.31 -15.30
C PHE A 214 -9.21 9.81 -15.51
N GLY A 215 -8.34 9.24 -16.34
CA GLY A 215 -8.39 7.81 -16.55
C GLY A 215 -7.49 7.03 -15.61
N THR A 216 -8.06 6.31 -14.65
CA THR A 216 -7.29 5.79 -13.51
C THR A 216 -7.34 4.27 -13.44
N ASN A 217 -6.38 3.71 -12.68
CA ASN A 217 -6.43 2.32 -12.25
C ASN A 217 -6.58 1.36 -13.43
N ILE A 218 -5.79 1.59 -14.47
CA ILE A 218 -5.77 0.72 -15.63
C ILE A 218 -4.84 -0.45 -15.35
N ASP A 219 -5.40 -1.66 -15.40
CA ASP A 219 -4.76 -2.86 -14.86
C ASP A 219 -3.82 -3.47 -15.89
N LEU A 220 -2.52 -3.41 -15.62
CA LEU A 220 -1.49 -3.97 -16.50
C LEU A 220 -0.89 -5.26 -15.95
N SER A 221 -1.67 -6.05 -15.21
CA SER A 221 -1.15 -7.25 -14.58
C SER A 221 -1.02 -8.42 -15.56
N ASP A 222 -1.86 -8.47 -16.59
CA ASP A 222 -1.94 -9.66 -17.46
C ASP A 222 -0.76 -9.67 -18.42
N ASP A 223 0.20 -10.56 -18.19
CA ASP A 223 1.42 -10.57 -18.99
C ASP A 223 1.20 -11.09 -20.41
N LYS A 224 0.02 -11.62 -20.73
CA LYS A 224 -0.29 -12.03 -22.10
C LYS A 224 -0.96 -10.92 -22.89
N LYS A 225 -1.39 -9.85 -22.22
CA LYS A 225 -1.89 -8.67 -22.90
C LYS A 225 -0.87 -7.54 -22.95
N TRP A 226 0.18 -7.63 -22.12
CA TRP A 226 1.09 -6.52 -21.86
C TRP A 226 2.52 -7.01 -21.81
N LYS A 227 2.84 -8.06 -22.58
CA LYS A 227 4.13 -8.74 -22.46
C LYS A 227 5.29 -7.77 -22.70
N LEU A 228 5.20 -6.95 -23.74
CA LEU A 228 6.30 -6.05 -24.06
C LEU A 228 6.43 -4.93 -23.02
N GLN A 229 5.30 -4.34 -22.61
CA GLN A 229 5.31 -3.34 -21.55
C GLN A 229 6.00 -3.87 -20.29
N LEU A 230 5.56 -5.04 -19.81
CA LEU A 230 6.09 -5.52 -18.54
C LEU A 230 7.55 -5.91 -18.66
N HIS A 231 7.95 -6.48 -19.80
CA HIS A 231 9.35 -6.85 -19.97
C HIS A 231 10.26 -5.63 -19.92
N GLU A 232 9.80 -4.50 -20.44
CA GLU A 232 10.61 -3.28 -20.42
C GLU A 232 10.94 -2.86 -19.00
N LEU A 233 10.05 -3.10 -18.04
CA LEU A 233 10.32 -2.72 -16.66
C LEU A 233 11.29 -3.68 -15.95
N THR A 234 11.68 -4.78 -16.60
CA THR A 234 12.71 -5.63 -16.02
C THR A 234 14.11 -5.06 -16.19
N LYS A 235 14.27 -4.00 -16.99
CA LYS A 235 15.53 -3.30 -17.09
C LYS A 235 15.81 -2.42 -15.88
N LEU A 236 14.82 -2.16 -15.04
CA LEU A 236 15.04 -1.30 -13.88
C LEU A 236 15.96 -1.96 -12.87
N PRO A 237 16.66 -1.19 -12.07
CA PRO A 237 17.47 -1.79 -10.99
C PRO A 237 16.58 -2.48 -9.97
N ALA A 238 17.16 -3.44 -9.26
CA ALA A 238 16.37 -4.34 -8.42
C ALA A 238 15.46 -3.58 -7.44
N PHE A 239 15.98 -2.52 -6.80
CA PHE A 239 15.23 -1.93 -5.69
C PHE A 239 13.96 -1.19 -6.13
N VAL A 240 13.76 -0.94 -7.43
CA VAL A 240 12.51 -0.37 -7.91
C VAL A 240 11.70 -1.34 -8.77
N ARG A 241 12.18 -2.56 -8.99
CA ARG A 241 11.45 -3.49 -9.85
C ARG A 241 10.15 -3.95 -9.22
N VAL A 242 9.21 -4.35 -10.08
CA VAL A 242 7.90 -4.84 -9.64
C VAL A 242 8.06 -6.13 -8.85
N VAL A 243 8.97 -7.01 -9.27
CA VAL A 243 9.25 -8.28 -8.62
C VAL A 243 10.74 -8.33 -8.29
N SER A 244 11.07 -8.75 -7.08
CA SER A 244 12.47 -9.02 -6.76
C SER A 244 12.54 -9.68 -5.39
N ALA A 245 13.69 -10.31 -5.12
CA ALA A 245 13.86 -11.03 -3.87
C ALA A 245 13.84 -10.10 -2.66
N GLY A 246 14.34 -8.87 -2.81
CA GLY A 246 14.37 -7.92 -1.71
C GLY A 246 13.13 -7.06 -1.58
N ASN A 247 12.03 -7.48 -2.21
CA ASN A 247 10.77 -6.76 -2.19
C ASN A 247 9.76 -7.55 -1.36
N LEU A 248 9.33 -6.99 -0.23
CA LEU A 248 8.40 -7.71 0.65
C LEU A 248 7.15 -8.14 -0.10
N LEU A 249 6.65 -7.31 -1.02
CA LEU A 249 5.42 -7.66 -1.72
C LEU A 249 5.64 -8.82 -2.68
N SER A 250 6.89 -9.13 -3.02
CA SER A 250 7.14 -10.33 -3.80
C SER A 250 7.08 -11.60 -2.97
N HIS A 251 6.99 -11.51 -1.64
CA HIS A 251 6.81 -12.68 -0.79
C HIS A 251 5.39 -12.84 -0.28
N VAL A 252 4.44 -12.05 -0.80
CA VAL A 252 3.05 -12.26 -0.41
C VAL A 252 2.57 -13.62 -0.90
N GLY A 253 3.05 -14.08 -2.06
CA GLY A 253 2.65 -15.37 -2.59
C GLY A 253 1.43 -15.33 -3.49
N HIS A 254 0.77 -14.19 -3.61
CA HIS A 254 -0.36 -14.03 -4.51
C HIS A 254 -0.43 -12.56 -4.95
N THR A 255 -1.31 -12.31 -5.92
CA THR A 255 -1.42 -10.98 -6.52
C THR A 255 -2.14 -10.01 -5.60
N ILE A 256 -1.52 -8.85 -5.38
CA ILE A 256 -2.17 -7.72 -4.72
C ILE A 256 -2.31 -6.64 -5.79
N LEU A 257 -3.52 -6.51 -6.33
CA LEU A 257 -3.70 -5.76 -7.56
C LEU A 257 -3.31 -4.30 -7.37
N GLY A 258 -2.43 -3.82 -8.22
CA GLY A 258 -1.96 -2.45 -8.09
C GLY A 258 -0.84 -2.25 -7.11
N MET A 259 -0.46 -3.27 -6.35
CA MET A 259 0.67 -3.14 -5.44
C MET A 259 1.87 -3.97 -5.92
N ASN A 260 1.70 -5.29 -6.10
CA ASN A 260 2.73 -6.05 -6.79
C ASN A 260 2.36 -6.32 -8.25
N THR A 261 1.45 -5.51 -8.82
CA THR A 261 1.23 -5.44 -10.26
C THR A 261 1.18 -3.96 -10.67
N VAL A 262 1.40 -3.71 -11.96
CA VAL A 262 1.55 -2.34 -12.45
C VAL A 262 0.18 -1.74 -12.74
N GLN A 263 -0.03 -0.50 -12.32
CA GLN A 263 -1.20 0.27 -12.74
C GLN A 263 -0.78 1.43 -13.63
N LEU A 264 -1.65 1.75 -14.59
CA LEU A 264 -1.43 2.88 -15.51
C LEU A 264 -2.53 3.91 -15.31
N TYR A 265 -2.15 5.17 -15.46
CA TYR A 265 -3.05 6.32 -15.34
C TYR A 265 -2.96 7.13 -16.62
N MET A 266 -4.10 7.54 -17.18
CA MET A 266 -4.12 8.38 -18.37
C MET A 266 -4.75 9.71 -17.98
N LYS A 267 -4.07 10.80 -18.35
CA LYS A 267 -4.28 12.12 -17.73
C LYS A 267 -4.49 13.23 -18.76
N VAL A 268 -5.36 14.16 -18.42
CA VAL A 268 -5.46 15.46 -19.06
C VAL A 268 -5.13 16.52 -18.01
N PRO A 269 -4.79 17.73 -18.43
CA PRO A 269 -4.42 18.79 -17.46
C PRO A 269 -5.51 18.99 -16.42
N GLY A 270 -5.09 19.05 -15.15
CA GLY A 270 -6.02 19.11 -14.04
C GLY A 270 -6.36 17.78 -13.39
N SER A 271 -5.96 16.65 -13.98
CA SER A 271 -6.28 15.35 -13.39
C SER A 271 -5.60 15.21 -12.03
N ARG A 272 -6.38 15.04 -10.96
CA ARG A 272 -5.83 15.05 -9.62
C ARG A 272 -5.95 13.72 -8.91
N THR A 273 -4.86 13.34 -8.25
CA THR A 273 -4.81 12.25 -7.29
C THR A 273 -4.90 12.82 -5.88
N PRO A 274 -5.98 12.56 -5.13
CA PRO A 274 -6.14 13.19 -3.82
C PRO A 274 -5.11 12.71 -2.81
N GLY A 275 -5.09 13.40 -1.68
CA GLY A 275 -4.07 13.14 -0.67
C GLY A 275 -4.27 11.79 0.00
N HIS A 276 -3.17 11.08 0.20
CA HIS A 276 -3.30 9.77 0.84
C HIS A 276 -1.91 9.22 1.16
N GLN A 277 -1.90 8.21 2.01
CA GLN A 277 -0.74 7.35 2.19
C GLN A 277 -1.02 6.03 1.47
N GLU A 278 0.04 5.31 1.13
CA GLU A 278 -0.10 4.04 0.43
C GLU A 278 -0.69 2.99 1.37
N ASN A 279 -1.24 1.92 0.79
CA ASN A 279 -1.76 0.80 1.58
C ASN A 279 -0.66 0.27 2.49
N ASN A 280 -0.94 0.24 3.80
CA ASN A 280 -0.01 -0.30 4.78
C ASN A 280 1.36 0.37 4.66
N ASN A 281 1.35 1.61 4.19
CA ASN A 281 2.54 2.47 4.21
C ASN A 281 3.68 1.90 3.37
N PHE A 282 3.36 1.17 2.31
CA PHE A 282 4.40 0.62 1.45
C PHE A 282 4.92 1.70 0.51
N CYS A 283 6.22 1.65 0.23
CA CYS A 283 6.79 2.60 -0.73
C CYS A 283 6.10 2.49 -2.08
N SER A 284 6.12 3.58 -2.84
CA SER A 284 5.53 3.62 -4.17
C SER A 284 6.54 4.11 -5.19
N VAL A 285 6.51 3.50 -6.38
CA VAL A 285 7.34 3.88 -7.52
C VAL A 285 6.42 4.41 -8.60
N ASN A 286 6.80 5.54 -9.21
CA ASN A 286 5.96 6.16 -10.23
C ASN A 286 6.84 6.75 -11.33
N ILE A 287 6.56 6.40 -12.59
CA ILE A 287 7.28 6.90 -13.76
C ILE A 287 6.32 7.63 -14.68
N ASN A 288 6.64 8.87 -15.00
CA ASN A 288 5.83 9.66 -15.91
C ASN A 288 6.22 9.32 -17.35
N ILE A 289 5.25 8.83 -18.13
CA ILE A 289 5.46 8.44 -19.52
C ILE A 289 5.59 9.65 -20.45
N GLY A 290 4.92 10.75 -20.12
CA GLY A 290 4.89 11.90 -20.99
C GLY A 290 3.66 11.88 -21.87
N PRO A 291 3.55 12.86 -22.79
CA PRO A 291 4.58 13.88 -22.99
C PRO A 291 4.61 15.03 -21.96
N GLY A 292 3.55 15.25 -21.18
CA GLY A 292 3.52 16.37 -20.24
C GLY A 292 4.06 16.02 -18.86
N ASP A 293 4.04 17.03 -17.98
CA ASP A 293 4.57 16.96 -16.62
C ASP A 293 3.48 16.77 -15.57
N CYS A 294 3.89 16.25 -14.42
CA CYS A 294 3.05 16.18 -13.23
C CYS A 294 3.64 17.00 -12.09
N GLU A 295 2.76 17.56 -11.27
CA GLU A 295 3.17 18.27 -10.07
C GLU A 295 2.82 17.47 -8.82
N TRP A 296 3.82 17.23 -7.97
CA TRP A 296 3.70 16.43 -6.77
C TRP A 296 3.79 17.30 -5.51
N PHE A 297 3.00 16.92 -4.50
CA PHE A 297 2.96 17.56 -3.19
C PHE A 297 3.14 16.46 -2.14
N VAL A 298 4.13 16.63 -1.26
CA VAL A 298 4.57 15.57 -0.36
C VAL A 298 4.70 16.13 1.06
N VAL A 299 4.21 15.36 2.03
CA VAL A 299 4.32 15.68 3.45
C VAL A 299 4.97 14.50 4.14
N PRO A 300 5.97 14.72 5.02
CA PRO A 300 6.64 13.59 5.66
C PRO A 300 5.66 12.74 6.47
N GLU A 301 5.96 11.43 6.52
CA GLU A 301 5.15 10.49 7.31
C GLU A 301 4.84 11.01 8.71
N GLY A 302 5.85 11.54 9.40
CA GLY A 302 5.67 11.93 10.80
C GLY A 302 4.56 12.92 11.03
N TYR A 303 4.06 13.58 9.99
CA TYR A 303 3.00 14.57 10.09
C TYR A 303 1.62 14.02 9.75
N TRP A 304 1.46 12.70 9.59
CA TRP A 304 0.15 12.20 9.16
C TRP A 304 -0.90 12.38 10.25
N GLY A 305 -0.48 12.42 11.51
CA GLY A 305 -1.42 12.71 12.58
C GLY A 305 -2.00 14.12 12.49
N VAL A 306 -1.17 15.09 12.11
CA VAL A 306 -1.66 16.45 11.92
C VAL A 306 -2.71 16.49 10.82
N LEU A 307 -2.42 15.86 9.67
CA LEU A 307 -3.38 15.84 8.58
C LEU A 307 -4.63 15.05 8.94
N ASN A 308 -4.48 13.98 9.73
CA ASN A 308 -5.65 13.25 10.20
C ASN A 308 -6.60 14.20 10.95
N ASP A 309 -6.04 15.03 11.84
CA ASP A 309 -6.86 16.00 12.58
C ASP A 309 -7.49 17.04 11.65
N PHE A 310 -6.74 17.57 10.68
CA PHE A 310 -7.37 18.47 9.71
C PHE A 310 -8.57 17.81 9.06
N CYS A 311 -8.45 16.52 8.72
CA CYS A 311 -9.55 15.81 8.09
C CYS A 311 -10.76 15.72 9.04
N GLU A 312 -10.53 15.22 10.26
CA GLU A 312 -11.61 15.11 11.22
C GLU A 312 -12.35 16.44 11.36
N LYS A 313 -11.61 17.51 11.69
CA LYS A 313 -12.22 18.82 11.86
C LYS A 313 -12.97 19.24 10.61
N ASN A 314 -12.38 19.03 9.44
CA ASN A 314 -13.12 19.31 8.20
C ASN A 314 -14.22 18.27 7.92
N ASN A 315 -14.58 17.38 8.85
CA ASN A 315 -15.60 16.37 8.61
C ASN A 315 -15.25 15.49 7.42
N LEU A 316 -13.97 15.14 7.31
CA LEU A 316 -13.49 14.26 6.25
C LEU A 316 -12.76 13.08 6.88
N ASN A 317 -12.84 11.93 6.21
CA ASN A 317 -12.15 10.72 6.65
C ASN A 317 -10.75 10.70 6.03
N PHE A 318 -9.74 10.61 6.88
CA PHE A 318 -8.35 10.64 6.41
C PHE A 318 -8.03 9.43 5.53
N LEU A 319 -8.34 8.23 6.01
CA LEU A 319 -7.92 7.02 5.32
C LEU A 319 -8.73 6.76 4.05
N MET A 320 -10.02 7.09 4.08
CA MET A 320 -10.94 6.68 3.03
C MET A 320 -11.56 7.82 2.24
N GLY A 321 -11.49 9.05 2.74
CA GLY A 321 -12.06 10.17 2.02
C GLY A 321 -11.17 10.64 0.90
N SER A 322 -11.70 11.52 0.06
CA SER A 322 -10.93 12.16 -0.99
C SER A 322 -10.82 13.64 -0.65
N TRP A 323 -9.60 14.09 -0.35
CA TRP A 323 -9.36 15.46 0.06
C TRP A 323 -8.12 15.99 -0.62
N TRP A 324 -8.11 17.30 -0.87
CA TRP A 324 -6.97 18.01 -1.47
C TRP A 324 -6.53 19.07 -0.49
N PRO A 325 -5.40 18.89 0.20
CA PRO A 325 -5.06 19.80 1.31
C PRO A 325 -5.01 21.26 0.87
N ASN A 326 -5.41 22.14 1.80
CA ASN A 326 -5.28 23.58 1.63
C ASN A 326 -3.90 23.96 2.16
N LEU A 327 -3.02 24.41 1.26
CA LEU A 327 -1.63 24.65 1.63
C LEU A 327 -1.49 25.75 2.67
N GLU A 328 -2.41 26.71 2.68
CA GLU A 328 -2.36 27.74 3.72
C GLU A 328 -2.67 27.14 5.08
N ASP A 329 -3.50 26.09 5.12
CA ASP A 329 -3.72 25.36 6.36
C ASP A 329 -2.44 24.66 6.83
N LEU A 330 -1.70 24.05 5.90
CA LEU A 330 -0.50 23.31 6.27
C LEU A 330 0.60 24.25 6.75
N TYR A 331 0.82 25.34 6.01
CA TYR A 331 1.71 26.40 6.45
C TYR A 331 1.37 26.86 7.88
N GLU A 332 0.10 27.21 8.11
CA GLU A 332 -0.34 27.69 9.41
C GLU A 332 0.06 26.74 10.53
N ALA A 333 -0.01 25.44 10.28
CA ALA A 333 0.31 24.46 11.32
C ALA A 333 1.76 24.01 11.28
N ASN A 334 2.65 24.75 10.59
CA ASN A 334 4.07 24.38 10.54
C ASN A 334 4.27 22.96 9.99
N VAL A 335 3.52 22.61 8.95
CA VAL A 335 3.69 21.34 8.24
C VAL A 335 4.52 21.61 6.98
N PRO A 336 5.69 21.00 6.84
CA PRO A 336 6.48 21.22 5.62
C PRO A 336 5.89 20.46 4.44
N VAL A 337 5.95 21.10 3.28
CA VAL A 337 5.40 20.56 2.04
C VAL A 337 6.50 20.55 0.99
N TYR A 338 6.89 19.36 0.53
CA TYR A 338 7.73 19.20 -0.64
C TYR A 338 6.91 19.31 -1.91
N ARG A 339 7.35 20.18 -2.83
CA ARG A 339 6.58 20.45 -4.06
C ARG A 339 7.54 20.46 -5.25
N PHE A 340 7.22 19.69 -6.30
CA PHE A 340 8.15 19.56 -7.43
C PHE A 340 7.41 19.10 -8.68
N ILE A 341 8.14 19.12 -9.79
CA ILE A 341 7.62 18.72 -11.09
C ILE A 341 8.32 17.44 -11.49
N GLN A 342 7.54 16.45 -11.90
CA GLN A 342 8.05 15.20 -12.45
C GLN A 342 7.89 15.26 -13.95
N ARG A 343 9.02 15.24 -14.67
CA ARG A 343 9.06 15.30 -16.13
C ARG A 343 8.90 13.91 -16.74
N PRO A 344 8.64 13.83 -18.05
CA PRO A 344 8.68 12.53 -18.73
C PRO A 344 10.00 11.81 -18.50
N GLY A 345 9.91 10.54 -18.11
CA GLY A 345 11.07 9.74 -17.79
C GLY A 345 11.64 9.90 -16.39
N ASP A 346 11.14 10.83 -15.59
CA ASP A 346 11.57 10.94 -14.20
C ASP A 346 10.84 9.90 -13.33
N LEU A 347 11.59 9.24 -12.44
CA LEU A 347 10.99 8.30 -11.50
C LEU A 347 10.82 8.97 -10.14
N VAL A 348 9.65 8.79 -9.53
CA VAL A 348 9.34 9.32 -8.21
C VAL A 348 9.23 8.15 -7.24
N TRP A 349 10.00 8.22 -6.16
CA TRP A 349 10.02 7.26 -5.08
C TRP A 349 9.29 7.88 -3.89
N ILE A 350 8.10 7.36 -3.59
CA ILE A 350 7.34 7.77 -2.40
C ILE A 350 7.77 6.85 -1.25
N ASN A 351 8.41 7.44 -0.24
CA ASN A 351 8.95 6.65 0.85
C ASN A 351 7.83 6.21 1.80
N ALA A 352 8.17 5.32 2.73
CA ALA A 352 7.16 4.60 3.51
C ALA A 352 6.31 5.56 4.34
N GLY A 353 4.99 5.51 4.12
CA GLY A 353 4.09 6.36 4.87
C GLY A 353 4.01 7.80 4.43
N THR A 354 4.74 8.18 3.38
CA THR A 354 4.73 9.57 2.96
C THR A 354 3.35 9.95 2.45
N VAL A 355 2.83 11.10 2.89
CA VAL A 355 1.53 11.59 2.44
C VAL A 355 1.74 12.40 1.17
N HIS A 356 0.95 12.12 0.13
CA HIS A 356 1.22 12.78 -1.14
C HIS A 356 -0.06 12.98 -1.91
N TRP A 357 -0.01 13.96 -2.83
CA TRP A 357 -1.05 14.21 -3.79
C TRP A 357 -0.40 14.75 -5.06
N VAL A 358 -1.14 14.65 -6.18
CA VAL A 358 -0.60 14.83 -7.52
C VAL A 358 -1.62 15.52 -8.39
N GLN A 359 -1.14 16.30 -9.36
CA GLN A 359 -2.00 16.80 -10.43
C GLN A 359 -1.20 16.87 -11.73
N ALA A 360 -1.84 16.48 -12.83
CA ALA A 360 -1.24 16.63 -14.14
C ALA A 360 -1.20 18.11 -14.53
N ILE A 361 -0.04 18.56 -15.02
CA ILE A 361 0.07 19.89 -15.59
C ILE A 361 -0.21 19.86 -17.08
N GLY A 362 0.34 18.87 -17.80
CA GLY A 362 0.02 18.65 -19.18
C GLY A 362 -0.73 17.36 -19.41
N TRP A 363 -0.67 16.88 -20.65
CA TRP A 363 -1.23 15.58 -21.04
C TRP A 363 -0.14 14.53 -20.87
N CYS A 364 -0.46 13.43 -20.17
CA CYS A 364 0.56 12.43 -19.93
C CYS A 364 -0.07 11.16 -19.37
N ASN A 365 0.68 10.07 -19.44
CA ASN A 365 0.38 8.84 -18.72
C ASN A 365 1.43 8.59 -17.65
N ASN A 366 1.04 7.87 -16.59
CA ASN A 366 1.94 7.47 -15.51
C ASN A 366 1.75 5.98 -15.25
N ILE A 367 2.83 5.28 -14.93
CA ILE A 367 2.73 3.91 -14.44
C ILE A 367 3.26 3.86 -13.01
N ALA A 368 2.72 2.95 -12.19
CA ALA A 368 3.07 2.94 -10.77
C ALA A 368 2.74 1.59 -10.14
N TRP A 369 3.49 1.28 -9.08
CA TRP A 369 3.33 0.05 -8.31
C TRP A 369 4.05 0.29 -6.99
N ASN A 370 3.98 -0.71 -6.10
CA ASN A 370 4.59 -0.62 -4.78
C ASN A 370 5.81 -1.52 -4.68
N VAL A 371 6.71 -1.18 -3.77
CA VAL A 371 7.78 -2.07 -3.35
C VAL A 371 7.89 -1.97 -1.84
N GLY A 372 8.37 -3.04 -1.22
CA GLY A 372 8.59 -3.05 0.20
C GLY A 372 10.02 -3.38 0.52
N PRO A 373 10.84 -2.37 0.78
CA PRO A 373 12.23 -2.63 1.15
C PRO A 373 12.32 -3.51 2.39
N LEU A 374 13.32 -4.40 2.38
CA LEU A 374 13.56 -5.29 3.50
C LEU A 374 14.27 -4.53 4.63
N THR A 375 13.52 -3.62 5.25
CA THR A 375 14.06 -2.76 6.30
C THR A 375 13.14 -2.73 7.51
N ALA A 376 13.74 -2.45 8.67
CA ALA A 376 12.99 -2.33 9.91
C ALA A 376 11.96 -1.20 9.83
N CYS A 377 12.36 -0.07 9.25
N CYS A 377 12.35 -0.08 9.22
CA CYS A 377 11.42 1.05 9.12
CA CYS A 377 11.44 1.05 9.12
C CYS A 377 10.20 0.67 8.30
C CYS A 377 10.22 0.72 8.26
N GLN A 378 10.41 -0.01 7.16
CA GLN A 378 9.27 -0.38 6.31
C GLN A 378 8.34 -1.37 7.03
N TYR A 379 8.91 -2.43 7.59
CA TYR A 379 8.09 -3.43 8.28
C TYR A 379 7.33 -2.80 9.45
N LYS A 380 8.00 -1.94 10.21
CA LYS A 380 7.38 -1.34 11.39
C LYS A 380 6.18 -0.48 11.00
N LEU A 381 6.33 0.33 9.96
CA LEU A 381 5.22 1.18 9.52
C LEU A 381 4.09 0.36 8.91
N ALA A 382 4.39 -0.76 8.24
CA ALA A 382 3.33 -1.57 7.66
C ALA A 382 2.53 -2.26 8.76
N VAL A 383 3.20 -2.68 9.83
CA VAL A 383 2.50 -3.31 10.94
C VAL A 383 1.66 -2.29 11.71
N GLU A 384 2.21 -1.10 11.94
CA GLU A 384 1.45 -0.09 12.67
C GLU A 384 0.16 0.28 11.94
N ARG A 385 0.26 0.55 10.63
CA ARG A 385 -0.95 0.86 9.87
C ARG A 385 -1.90 -0.33 9.83
N TYR A 386 -1.36 -1.55 9.80
CA TYR A 386 -2.20 -2.74 9.88
C TYR A 386 -3.05 -2.74 11.16
N GLU A 387 -2.43 -2.41 12.30
CA GLU A 387 -3.14 -2.33 13.57
C GLU A 387 -4.08 -1.14 13.62
N TRP A 388 -3.65 0.01 13.13
CA TRP A 388 -4.54 1.16 13.06
C TRP A 388 -5.76 0.85 12.21
N ASN A 389 -5.57 0.18 11.06
CA ASN A 389 -6.70 -0.17 10.20
C ASN A 389 -7.72 -1.02 10.94
N LYS A 390 -7.28 -1.98 11.76
CA LYS A 390 -8.22 -2.78 12.55
C LYS A 390 -9.10 -1.88 13.42
N LEU A 391 -8.46 -0.97 14.16
CA LEU A 391 -9.20 -0.09 15.07
C LEU A 391 -10.19 0.79 14.32
N GLN A 392 -9.92 1.09 13.05
CA GLN A 392 -10.77 1.95 12.23
C GLN A 392 -11.72 1.17 11.33
N SER A 393 -11.69 -0.16 11.39
CA SER A 393 -12.48 -1.00 10.48
C SER A 393 -12.20 -0.67 9.01
N VAL A 394 -10.92 -0.49 8.68
CA VAL A 394 -10.46 -0.26 7.32
C VAL A 394 -9.71 -1.50 6.88
N LYS A 395 -10.06 -2.05 5.71
CA LYS A 395 -9.37 -3.23 5.23
C LYS A 395 -7.89 -2.93 5.00
N SER A 396 -7.02 -3.82 5.51
CA SER A 396 -5.62 -3.81 5.13
C SER A 396 -5.45 -4.55 3.81
N ILE A 397 -4.97 -3.85 2.77
CA ILE A 397 -4.81 -4.50 1.48
C ILE A 397 -3.64 -5.48 1.50
N VAL A 398 -2.63 -5.21 2.30
CA VAL A 398 -1.51 -6.14 2.50
C VAL A 398 -1.85 -7.00 3.72
N PRO A 399 -1.96 -8.32 3.58
CA PRO A 399 -2.26 -9.16 4.75
C PRO A 399 -1.00 -9.43 5.56
N MET A 400 -0.73 -8.56 6.53
CA MET A 400 0.60 -8.54 7.17
C MET A 400 0.89 -9.83 7.94
N VAL A 401 -0.13 -10.52 8.44
CA VAL A 401 0.12 -11.78 9.14
C VAL A 401 0.54 -12.86 8.15
N HIS A 402 -0.30 -13.09 7.13
CA HIS A 402 0.10 -13.99 6.05
C HIS A 402 1.50 -13.66 5.54
N LEU A 403 1.76 -12.38 5.28
CA LEU A 403 3.06 -11.99 4.74
C LEU A 403 4.20 -12.31 5.69
N SER A 404 4.03 -12.01 6.99
CA SER A 404 5.14 -12.22 7.92
C SER A 404 5.54 -13.68 8.00
N TRP A 405 4.55 -14.58 8.04
CA TRP A 405 4.85 -16.00 8.04
C TRP A 405 5.57 -16.42 6.76
N ASN A 406 5.13 -15.90 5.61
CA ASN A 406 5.87 -16.16 4.38
C ASN A 406 7.29 -15.60 4.45
N MET A 407 7.46 -14.42 5.03
CA MET A 407 8.82 -13.89 5.18
C MET A 407 9.66 -14.83 6.02
N ALA A 408 9.08 -15.38 7.10
CA ALA A 408 9.86 -16.24 7.98
C ALA A 408 10.24 -17.52 7.28
N ARG A 409 9.40 -17.99 6.35
CA ARG A 409 9.74 -19.17 5.55
C ARG A 409 10.87 -18.88 4.56
N ASN A 410 10.88 -17.69 3.96
CA ASN A 410 11.70 -17.48 2.76
C ASN A 410 12.99 -16.72 2.98
N ILE A 411 13.01 -15.77 3.91
CA ILE A 411 14.04 -14.74 3.95
C ILE A 411 14.96 -14.99 5.12
N LYS A 412 16.27 -14.96 4.86
CA LYS A 412 17.27 -14.99 5.92
C LYS A 412 17.55 -13.54 6.32
N VAL A 413 17.03 -13.14 7.47
CA VAL A 413 17.13 -11.75 7.94
C VAL A 413 18.37 -11.62 8.80
N SER A 414 19.25 -10.69 8.44
CA SER A 414 20.48 -10.48 9.19
C SER A 414 20.46 -9.23 10.06
N ASP A 415 19.57 -8.27 9.78
CA ASP A 415 19.49 -7.08 10.62
C ASP A 415 18.76 -7.40 11.92
N PRO A 416 19.37 -7.19 13.08
CA PRO A 416 18.72 -7.60 14.34
C PRO A 416 17.38 -6.91 14.59
N LYS A 417 17.28 -5.61 14.32
CA LYS A 417 16.06 -4.88 14.61
C LYS A 417 14.88 -5.40 13.77
N LEU A 418 15.10 -5.57 12.46
CA LEU A 418 14.04 -6.11 11.63
C LEU A 418 13.69 -7.54 12.04
N PHE A 419 14.71 -8.37 12.30
CA PHE A 419 14.44 -9.74 12.70
C PHE A 419 13.58 -9.79 13.95
N GLU A 420 13.89 -8.94 14.95
CA GLU A 420 13.15 -8.96 16.20
C GLU A 420 11.70 -8.57 15.99
N MET A 421 11.43 -7.64 15.07
CA MET A 421 10.03 -7.26 14.83
C MET A 421 9.25 -8.40 14.22
N ILE A 422 9.83 -9.07 13.22
CA ILE A 422 9.14 -10.18 12.56
C ILE A 422 8.85 -11.31 13.56
N LYS A 423 9.89 -11.77 14.25
CA LYS A 423 9.73 -12.88 15.21
C LYS A 423 8.74 -12.52 16.31
N TYR A 424 8.73 -11.26 16.74
CA TYR A 424 7.71 -10.82 17.68
C TYR A 424 6.30 -10.99 17.09
N CYS A 425 6.12 -10.62 15.82
CA CYS A 425 4.82 -10.82 15.16
C CYS A 425 4.47 -12.29 15.10
N LEU A 426 5.45 -13.14 14.78
CA LEU A 426 5.19 -14.57 14.77
C LEU A 426 4.77 -15.04 16.16
N LEU A 427 5.48 -14.60 17.19
CA LEU A 427 5.18 -15.03 18.55
C LEU A 427 3.76 -14.68 18.93
N ARG A 428 3.35 -13.42 18.75
CA ARG A 428 2.00 -13.04 19.14
C ARG A 428 0.95 -13.86 18.36
N THR A 429 1.12 -13.97 17.04
CA THR A 429 0.12 -14.69 16.25
C THR A 429 0.15 -16.20 16.54
N LEU A 430 1.35 -16.77 16.71
CA LEU A 430 1.40 -18.18 17.07
C LEU A 430 0.66 -18.43 18.37
N LYS A 431 0.86 -17.56 19.37
CA LYS A 431 0.17 -17.71 20.63
C LYS A 431 -1.33 -17.47 20.48
N GLN A 432 -1.72 -16.50 19.67
CA GLN A 432 -3.15 -16.25 19.45
C GLN A 432 -3.81 -17.46 18.82
N CYS A 433 -3.14 -18.11 17.86
CA CYS A 433 -3.73 -19.26 17.21
C CYS A 433 -3.91 -20.42 18.18
N GLN A 434 -2.87 -20.70 18.98
CA GLN A 434 -2.93 -21.83 19.90
C GLN A 434 -3.89 -21.56 21.05
N THR A 435 -3.99 -20.31 21.49
CA THR A 435 -4.99 -19.94 22.49
C THR A 435 -6.41 -20.17 21.96
N LEU A 436 -6.65 -19.86 20.70
CA LEU A 436 -7.97 -20.12 20.11
C LEU A 436 -8.18 -21.62 19.88
N ARG A 437 -7.17 -22.30 19.36
CA ARG A 437 -7.27 -23.74 19.11
C ARG A 437 -7.62 -24.48 20.41
N GLU A 438 -6.88 -24.19 21.49
CA GLU A 438 -7.19 -24.79 22.77
C GLU A 438 -8.62 -24.47 23.19
N ALA A 439 -8.97 -23.16 23.22
CA ALA A 439 -10.33 -22.78 23.61
C ALA A 439 -11.39 -23.51 22.82
N LEU A 440 -11.11 -23.80 21.53
CA LEU A 440 -12.07 -24.56 20.74
C LEU A 440 -12.22 -25.97 21.29
N ILE A 441 -11.10 -26.69 21.47
CA ILE A 441 -11.14 -28.02 22.03
C ILE A 441 -11.86 -28.02 23.38
N ALA A 442 -11.57 -27.02 24.22
CA ALA A 442 -12.18 -26.95 25.54
C ALA A 442 -13.69 -26.81 25.46
N ALA A 443 -14.21 -26.26 24.37
CA ALA A 443 -15.64 -26.16 24.15
C ALA A 443 -16.17 -27.29 23.28
N GLY A 444 -15.36 -28.31 23.01
CA GLY A 444 -15.77 -29.46 22.23
C GLY A 444 -16.07 -29.20 20.78
N LYS A 445 -15.94 -27.95 20.30
CA LYS A 445 -16.23 -27.60 18.91
C LYS A 445 -15.04 -28.00 18.03
N GLU A 446 -15.22 -29.04 17.22
CA GLU A 446 -14.15 -29.66 16.46
C GLU A 446 -13.64 -28.73 15.36
N ILE A 447 -12.58 -29.16 14.68
CA ILE A 447 -11.80 -28.34 13.78
C ILE A 447 -11.55 -29.12 12.49
N ILE A 448 -12.22 -28.70 11.42
CA ILE A 448 -12.13 -29.38 10.13
C ILE A 448 -10.81 -29.01 9.45
N TRP A 449 -10.02 -30.02 9.11
CA TRP A 449 -8.84 -29.78 8.29
C TRP A 449 -9.30 -29.30 6.91
N HIS A 450 -9.01 -28.04 6.59
CA HIS A 450 -9.34 -27.46 5.29
C HIS A 450 -8.13 -27.25 4.40
N GLY A 451 -6.97 -26.99 4.99
CA GLY A 451 -5.77 -26.79 4.23
C GLY A 451 -5.85 -25.55 3.35
N ARG A 452 -4.92 -25.49 2.39
CA ARG A 452 -4.93 -24.43 1.40
C ARG A 452 -3.95 -24.78 0.29
N THR A 453 -4.10 -24.12 -0.84
CA THR A 453 -3.15 -24.28 -1.93
C THR A 453 -2.01 -23.26 -1.81
N LYS A 454 -0.93 -23.52 -2.55
CA LYS A 454 0.32 -22.80 -2.34
C LYS A 454 0.16 -21.29 -2.57
N GLU A 455 -0.61 -20.90 -3.59
CA GLU A 455 -0.83 -19.51 -3.96
C GLU A 455 -2.21 -18.99 -3.53
N GLU A 456 -2.88 -19.68 -2.64
CA GLU A 456 -4.20 -19.24 -2.23
C GLU A 456 -4.07 -17.93 -1.45
N PRO A 457 -4.83 -16.90 -1.81
CA PRO A 457 -4.73 -15.61 -1.12
C PRO A 457 -5.07 -15.73 0.36
N ALA A 458 -4.74 -14.67 1.09
CA ALA A 458 -5.19 -14.52 2.47
C ALA A 458 -6.70 -14.25 2.50
N HIS A 459 -7.36 -14.72 3.56
CA HIS A 459 -8.80 -14.54 3.68
C HIS A 459 -9.14 -13.44 4.69
N TYR A 460 -10.13 -12.63 4.34
CA TYR A 460 -10.59 -11.53 5.15
C TYR A 460 -12.02 -11.81 5.61
N CYS A 461 -12.39 -11.18 6.72
CA CYS A 461 -13.72 -11.38 7.27
C CYS A 461 -14.77 -10.68 6.41
N SER A 462 -15.81 -11.43 6.01
CA SER A 462 -16.87 -10.87 5.18
C SER A 462 -17.56 -9.66 5.80
N ILE A 463 -17.50 -9.49 7.12
CA ILE A 463 -18.23 -8.44 7.79
C ILE A 463 -17.34 -7.23 8.06
N CYS A 464 -16.30 -7.40 8.88
CA CYS A 464 -15.46 -6.29 9.28
C CYS A 464 -14.25 -6.12 8.37
N GLU A 465 -13.87 -7.15 7.61
CA GLU A 465 -12.78 -7.12 6.64
C GLU A 465 -11.40 -7.21 7.27
N VAL A 466 -11.30 -7.59 8.54
CA VAL A 466 -10.00 -7.91 9.11
C VAL A 466 -9.47 -9.20 8.47
N GLU A 467 -8.15 -9.34 8.46
CA GLU A 467 -7.53 -10.59 7.99
C GLU A 467 -7.84 -11.72 8.96
N VAL A 468 -8.17 -12.89 8.42
CA VAL A 468 -8.43 -14.09 9.23
C VAL A 468 -7.36 -15.13 8.86
N PHE A 469 -6.54 -15.50 9.85
CA PHE A 469 -5.38 -16.35 9.64
C PHE A 469 -5.59 -17.72 10.29
N ASP A 470 -5.36 -18.77 9.51
CA ASP A 470 -5.27 -20.14 10.00
C ASP A 470 -6.61 -20.77 10.38
N LEU A 471 -7.43 -20.08 11.19
CA LEU A 471 -8.71 -20.64 11.62
C LEU A 471 -9.85 -19.77 11.07
N LEU A 472 -10.60 -20.31 10.12
CA LEU A 472 -11.67 -19.56 9.47
C LEU A 472 -13.03 -20.01 10.00
N PHE A 473 -13.95 -19.05 10.15
CA PHE A 473 -15.32 -19.31 10.59
C PHE A 473 -16.28 -19.11 9.42
N VAL A 474 -17.00 -20.17 9.04
CA VAL A 474 -17.92 -20.13 7.92
CA VAL A 474 -17.91 -20.14 7.91
C VAL A 474 -19.26 -20.71 8.35
N THR A 475 -20.35 -20.03 7.97
CA THR A 475 -21.69 -20.52 8.24
C THR A 475 -21.95 -21.82 7.48
N ASN A 476 -22.86 -22.63 8.03
CA ASN A 476 -23.12 -23.95 7.46
C ASN A 476 -23.70 -23.84 6.05
N GLU A 477 -24.63 -22.89 5.83
CA GLU A 477 -25.14 -22.66 4.48
C GLU A 477 -24.06 -22.14 3.53
N SER A 478 -22.98 -21.54 4.05
CA SER A 478 -21.84 -21.19 3.21
C SER A 478 -20.86 -22.35 3.05
N ASN A 479 -20.70 -23.18 4.08
CA ASN A 479 -19.93 -24.39 3.92
C ASN A 479 -20.62 -25.34 2.96
N SER A 480 -21.94 -25.55 3.15
CA SER A 480 -22.68 -26.49 2.33
C SER A 480 -22.57 -26.15 0.84
N ARG A 481 -22.75 -24.87 0.51
CA ARG A 481 -22.60 -24.39 -0.87
C ARG A 481 -21.14 -24.10 -1.22
N LYS A 482 -20.19 -24.48 -0.36
CA LYS A 482 -18.76 -24.31 -0.59
C LYS A 482 -18.43 -22.95 -1.17
N THR A 483 -19.21 -21.92 -0.80
CA THR A 483 -18.73 -20.56 -1.04
C THR A 483 -17.70 -20.16 0.02
N TYR A 484 -17.77 -20.77 1.20
CA TYR A 484 -16.85 -20.49 2.30
C TYR A 484 -16.74 -18.99 2.54
N ILE A 485 -17.86 -18.41 2.95
CA ILE A 485 -17.86 -17.00 3.36
C ILE A 485 -17.17 -16.93 4.72
N VAL A 486 -16.01 -16.29 4.75
CA VAL A 486 -15.17 -16.29 5.95
C VAL A 486 -15.58 -15.14 6.85
N HIS A 487 -15.70 -15.43 8.15
CA HIS A 487 -15.87 -14.45 9.20
C HIS A 487 -14.73 -14.59 10.20
N CYS A 488 -14.38 -13.47 10.83
CA CYS A 488 -13.54 -13.53 12.02
C CYS A 488 -14.35 -14.08 13.20
N GLN A 489 -13.61 -14.50 14.24
CA GLN A 489 -14.25 -15.03 15.43
C GLN A 489 -15.26 -14.04 16.02
N ASP A 490 -14.87 -12.78 16.13
CA ASP A 490 -15.75 -11.77 16.71
C ASP A 490 -17.06 -11.68 15.94
N CYS A 491 -16.98 -11.51 14.62
CA CYS A 491 -18.18 -11.29 13.83
C CYS A 491 -19.08 -12.52 13.81
N ALA A 492 -18.51 -13.72 13.92
CA ALA A 492 -19.34 -14.93 13.98
C ALA A 492 -20.12 -14.99 15.30
N ARG A 493 -19.45 -14.76 16.42
CA ARG A 493 -20.11 -14.82 17.72
C ARG A 493 -21.22 -13.79 17.84
N LYS A 494 -21.06 -12.62 17.21
CA LYS A 494 -22.10 -11.61 17.22
C LYS A 494 -23.35 -12.12 16.51
N THR A 495 -23.26 -13.34 15.98
CA THR A 495 -24.35 -14.02 15.29
C THR A 495 -24.74 -15.36 15.90
N SER A 496 -23.82 -16.02 16.62
CA SER A 496 -24.13 -17.31 17.26
C SER A 496 -23.22 -17.41 18.48
N GLY A 497 -23.80 -17.24 19.67
CA GLY A 497 -23.05 -17.27 20.91
C GLY A 497 -21.96 -18.31 20.95
N ASN A 498 -22.33 -19.56 20.66
CA ASN A 498 -21.37 -20.65 20.55
C ASN A 498 -21.22 -21.11 19.10
N LEU A 499 -21.42 -20.19 18.16
CA LEU A 499 -21.30 -20.49 16.73
C LEU A 499 -22.17 -21.68 16.36
N GLU A 500 -23.48 -21.51 16.54
CA GLU A 500 -24.42 -22.57 16.15
C GLU A 500 -24.38 -22.79 14.64
N ASN A 501 -24.34 -21.71 13.87
CA ASN A 501 -24.31 -21.78 12.42
C ASN A 501 -22.89 -21.85 11.85
N PHE A 502 -21.91 -22.32 12.62
CA PHE A 502 -20.52 -22.20 12.23
C PHE A 502 -19.73 -23.48 12.51
N VAL A 503 -18.94 -23.88 11.52
CA VAL A 503 -17.80 -24.74 11.72
C VAL A 503 -16.54 -23.86 11.61
N VAL A 504 -15.38 -24.45 11.88
CA VAL A 504 -14.11 -23.73 11.73
C VAL A 504 -13.16 -24.62 10.95
N LEU A 505 -12.51 -24.03 9.94
CA LEU A 505 -11.55 -24.72 9.11
C LEU A 505 -10.14 -24.32 9.51
N GLU A 506 -9.21 -25.27 9.41
CA GLU A 506 -7.81 -25.06 9.74
C GLU A 506 -6.99 -25.14 8.47
N GLN A 507 -6.24 -24.06 8.17
CA GLN A 507 -5.43 -23.96 6.94
C GLN A 507 -4.02 -24.51 7.10
N TYR A 508 -3.45 -24.40 8.30
CA TYR A 508 -2.09 -24.81 8.57
C TYR A 508 -2.09 -25.85 9.68
N LYS A 509 -1.13 -26.78 9.60
CA LYS A 509 -0.87 -27.68 10.71
C LYS A 509 -0.06 -26.94 11.75
N MET A 510 -0.55 -26.92 13.00
CA MET A 510 0.19 -26.26 14.07
C MET A 510 1.66 -26.66 14.05
N GLU A 511 1.96 -27.95 13.90
CA GLU A 511 3.35 -28.37 13.86
C GLU A 511 4.13 -27.68 12.74
N ASP A 512 3.46 -27.30 11.66
CA ASP A 512 4.11 -26.56 10.59
C ASP A 512 4.43 -25.13 11.04
N LEU A 513 3.46 -24.44 11.63
CA LEU A 513 3.70 -23.11 12.18
C LEU A 513 4.80 -23.14 13.23
N MET A 514 4.73 -24.09 14.17
CA MET A 514 5.76 -24.15 15.21
C MET A 514 7.14 -24.36 14.61
N GLN A 515 7.21 -25.07 13.50
CA GLN A 515 8.50 -25.34 12.89
C GLN A 515 9.05 -24.11 12.18
N VAL A 516 8.18 -23.35 11.50
CA VAL A 516 8.63 -22.13 10.85
C VAL A 516 9.09 -21.12 11.90
N TYR A 517 8.36 -21.03 13.01
CA TYR A 517 8.75 -20.13 14.09
C TYR A 517 10.13 -20.50 14.63
N ASP A 518 10.33 -21.78 14.94
CA ASP A 518 11.60 -22.22 15.54
C ASP A 518 12.75 -22.05 14.57
N GLN A 519 12.49 -22.21 13.27
CA GLN A 519 13.56 -22.13 12.29
C GLN A 519 13.85 -20.71 11.84
N PHE A 520 13.03 -19.74 12.23
CA PHE A 520 13.30 -18.33 11.91
C PHE A 520 14.31 -17.81 12.91
N THR A 521 15.59 -17.78 12.52
CA THR A 521 16.67 -17.36 13.39
C THR A 521 17.50 -16.28 12.71
N LEU A 522 18.15 -15.44 13.51
CA LEU A 522 18.91 -14.33 12.98
C LEU A 522 20.05 -14.81 12.11
N ALA A 523 20.04 -14.40 10.84
CA ALA A 523 21.04 -14.83 9.89
C ALA A 523 22.34 -14.03 10.07
N PRO A 524 23.47 -14.61 9.68
CA PRO A 524 24.74 -13.90 9.78
C PRO A 524 24.90 -12.92 8.63
N PRO A 525 25.59 -11.80 8.85
CA PRO A 525 25.88 -10.82 7.78
C PRO A 525 26.63 -11.43 6.59
MN MN B . -1.33 5.83 -4.28
ZN ZN C . -15.25 -9.52 11.30
O2 K0I D . -1.47 10.56 -10.14
C1 K0I D . -0.61 9.62 -10.06
O1 K0I D . 0.18 9.34 -11.02
C2 K0I D . -0.58 8.80 -8.76
C3 K0I D . -1.69 7.76 -8.80
N1 K0I D . -1.85 7.20 -7.47
C4 K0I D . -3.10 6.69 -7.00
N3 K0I D . -3.13 6.04 -5.84
C7 K0I D . -4.27 5.56 -5.38
C8 K0I D . -4.25 4.81 -4.05
N4 K0I D . -3.09 4.53 -3.49
C12 K0I D . -3.00 3.87 -2.35
C11 K0I D . -4.13 3.42 -1.69
C10 K0I D . -5.38 3.67 -2.25
C9 K0I D . -5.43 4.36 -3.46
N2 K0I D . -5.41 5.71 -6.05
C6 K0I D . -5.48 6.35 -7.21
C5 K0I D . -4.29 6.87 -7.72
N5 K0I D . -6.76 6.49 -7.90
C22 K0I D . -6.81 7.59 -8.84
C21 K0I D . -6.97 8.98 -8.22
C20 K0I D . -8.37 9.33 -7.62
C15 K0I D . -8.91 8.60 -6.59
C14 K0I D . -8.15 7.40 -6.00
C13 K0I D . -7.93 6.29 -7.04
C19 K0I D . -9.08 10.43 -8.14
C18 K0I D . -10.31 10.79 -7.63
C17 K0I D . -10.87 10.04 -6.59
C16 K0I D . -10.17 8.96 -6.07
S DMS E . 10.49 -13.97 -4.46
O DMS E . 11.98 -13.85 -4.50
C1 DMS E . 9.87 -14.36 -6.14
C2 DMS E . 9.98 -15.43 -3.52
H11 DMS E . 10.07 -13.55 -6.79
H12 DMS E . 8.83 -14.53 -6.10
H13 DMS E . 10.36 -15.23 -6.50
H21 DMS E . 10.45 -16.29 -3.91
H22 DMS E . 8.93 -15.55 -3.58
H23 DMS E . 10.26 -15.32 -2.50
S DMS F . 19.85 -5.90 -10.94
O DMS F . 20.33 -4.72 -10.13
C1 DMS F . 20.77 -6.07 -12.51
C2 DMS F . 20.29 -7.45 -10.12
H11 DMS F . 21.81 -6.11 -12.31
H12 DMS F . 20.57 -5.23 -13.12
H13 DMS F . 20.47 -6.96 -13.00
H21 DMS F . 21.34 -7.47 -9.93
H22 DMS F . 20.04 -8.27 -10.75
H23 DMS F . 19.77 -7.52 -9.20
S DMS G . -19.98 4.15 -6.61
O DMS G . -20.20 2.77 -6.05
C1 DMS G . -18.36 4.81 -6.10
C2 DMS G . -19.83 4.07 -8.42
H11 DMS G . -18.35 4.94 -5.05
H12 DMS G . -18.19 5.74 -6.58
H13 DMS G . -17.60 4.13 -6.38
H21 DMS G . -20.74 3.74 -8.83
H22 DMS G . -19.59 5.03 -8.79
H23 DMS G . -19.06 3.39 -8.68
S DMS H . -8.66 8.17 -0.87
O DMS H . -7.81 7.62 0.24
C1 DMS H . -7.67 8.81 -2.27
C2 DMS H . -9.72 6.91 -1.62
H11 DMS H . -7.03 8.04 -2.61
H12 DMS H . -7.10 9.64 -1.95
H13 DMS H . -8.32 9.10 -3.05
H21 DMS H . -9.13 6.10 -1.94
H22 DMS H . -10.23 7.32 -2.45
H23 DMS H . -10.43 6.57 -0.90
CL CL I . 15.87 -10.38 -7.71
#